data_4I6K
#
_entry.id   4I6K
#
_cell.length_a   75.168
_cell.length_b   75.168
_cell.length_c   88.966
_cell.angle_alpha   90.00
_cell.angle_beta   90.00
_cell.angle_gamma   120.00
#
_symmetry.space_group_name_H-M   'P 31 2 1'
#
loop_
_entity.id
_entity.type
_entity.pdbx_description
1 polymer 'Amidohydrolase family protein'
2 non-polymer 'CITRIC ACID'
3 water water
#
_entity_poly.entity_id   1
_entity_poly.type   'polypeptide(L)'
_entity_poly.pdbx_seq_one_letter_code
;MHHHHHHSSGVDLGTENLYFQSMKMNCIDTHAHVFSTQDHSIETARYAPDYEATVQSFISHLDEHNFTHGVLVQPSFLGT
NNQAMLNAIQQYPDRLKGIAVVQHTTTFNELVNLKAQGIVGVRLNLFGLNLPALNTPDWQKFLRNVESLNWQVELHAPPK
YLVQLLPQLNEYSFDVVIDHFGRVDPVKGIEDPDYQKFLSLLNVKQHWIKVSGFYRLGATPSNINIAQQAYNIFKEKGFL
HKLIWGSDWPHTQHESLITYEDAIKAFKQIVFDKHEQCLILNQNPTELFGFSRT
;
_entity_poly.pdbx_strand_id   A
#
# COMPACT_ATOMS: atom_id res chain seq x y z
N MET A 25 -12.63 11.31 -9.56
CA MET A 25 -11.92 10.90 -8.32
C MET A 25 -12.93 10.56 -7.25
N ASN A 26 -14.05 9.99 -7.68
CA ASN A 26 -15.10 9.62 -6.74
C ASN A 26 -14.71 8.41 -5.87
N CYS A 27 -14.18 7.36 -6.49
CA CYS A 27 -14.06 6.10 -5.78
C CYS A 27 -12.81 5.33 -6.19
N ILE A 28 -11.89 5.20 -5.25
CA ILE A 28 -10.50 4.82 -5.56
C ILE A 28 -10.01 3.59 -4.79
N ASP A 29 -9.51 2.61 -5.54
CA ASP A 29 -8.88 1.41 -4.96
C ASP A 29 -7.36 1.60 -4.99
N THR A 30 -6.76 1.75 -3.81
CA THR A 30 -5.36 2.18 -3.76
C THR A 30 -4.33 1.07 -3.62
N HIS A 31 -4.74 -0.17 -3.83
CA HIS A 31 -3.80 -1.27 -3.67
C HIS A 31 -4.20 -2.53 -4.42
N ALA A 32 -3.67 -2.68 -5.63
CA ALA A 32 -3.80 -3.93 -6.36
C ALA A 32 -2.50 -4.18 -7.10
N HIS A 33 -2.36 -5.39 -7.66
CA HIS A 33 -1.17 -5.73 -8.42
C HIS A 33 -1.58 -6.38 -9.73
N VAL A 34 -0.89 -6.05 -10.82
CA VAL A 34 -1.04 -6.83 -12.03
C VAL A 34 0.26 -7.57 -12.26
N PHE A 35 0.16 -8.72 -12.91
CA PHE A 35 1.34 -9.49 -13.30
C PHE A 35 0.89 -10.67 -14.16
N SER A 36 1.87 -11.30 -14.82
CA SER A 36 1.63 -12.40 -15.75
C SER A 36 2.71 -13.44 -15.55
N THR A 37 2.48 -14.66 -16.05
CA THR A 37 3.47 -15.70 -15.86
C THR A 37 4.63 -15.51 -16.84
N GLN A 38 4.44 -14.61 -17.78
CA GLN A 38 5.50 -14.20 -18.70
C GLN A 38 6.54 -13.32 -18.00
N ASP A 39 6.10 -12.59 -16.98
CA ASP A 39 7.01 -11.76 -16.19
C ASP A 39 7.99 -12.64 -15.40
N HIS A 40 9.22 -12.14 -15.23
CA HIS A 40 10.24 -12.87 -14.48
C HIS A 40 10.07 -12.70 -12.97
N SER A 41 9.95 -13.83 -12.28
CA SER A 41 9.88 -13.83 -10.83
C SER A 41 11.28 -14.04 -10.25
N ILE A 42 11.74 -13.11 -9.42
CA ILE A 42 13.12 -13.12 -8.96
C ILE A 42 13.49 -14.37 -8.15
N GLU A 43 14.77 -14.72 -8.20
CA GLU A 43 15.29 -15.98 -7.69
C GLU A 43 14.94 -16.22 -6.22
N THR A 44 14.94 -15.14 -5.44
CA THR A 44 14.67 -15.23 -4.01
C THR A 44 13.20 -14.94 -3.64
N ALA A 45 12.30 -14.97 -4.62
CA ALA A 45 10.88 -14.68 -4.37
C ALA A 45 10.31 -15.58 -3.26
N ARG A 46 9.55 -15.00 -2.34
CA ARG A 46 8.90 -15.76 -1.28
C ARG A 46 7.87 -16.71 -1.90
N TYR A 47 7.33 -16.30 -3.05
CA TYR A 47 6.34 -17.08 -3.77
C TYR A 47 6.27 -16.60 -5.21
N ALA A 48 5.65 -17.43 -6.05
CA ALA A 48 5.54 -17.13 -7.47
C ALA A 48 4.18 -17.61 -7.94
N PRO A 49 3.22 -16.67 -8.05
CA PRO A 49 1.85 -17.01 -8.43
C PRO A 49 1.83 -17.67 -9.81
N ASP A 50 0.87 -18.55 -10.04
CA ASP A 50 0.81 -19.33 -11.28
C ASP A 50 -0.47 -19.02 -12.07
N TYR A 51 -0.75 -17.74 -12.25
CA TYR A 51 -1.94 -17.35 -12.96
C TYR A 51 -1.75 -15.95 -13.51
N GLU A 52 -2.69 -15.51 -14.33
CA GLU A 52 -2.64 -14.19 -14.96
C GLU A 52 -3.41 -13.19 -14.11
N ALA A 53 -2.79 -12.07 -13.76
CA ALA A 53 -3.51 -10.97 -13.09
C ALA A 53 -3.45 -9.70 -13.95
N THR A 54 -4.38 -9.57 -14.89
CA THR A 54 -4.30 -8.57 -15.95
C THR A 54 -4.94 -7.23 -15.60
N VAL A 55 -4.47 -6.16 -16.25
CA VAL A 55 -5.08 -4.85 -16.05
C VAL A 55 -6.53 -4.98 -16.42
N GLN A 56 -6.75 -5.72 -17.50
CA GLN A 56 -8.07 -6.00 -17.99
C GLN A 56 -8.96 -6.51 -16.85
N SER A 57 -8.55 -7.61 -16.24
CA SER A 57 -9.31 -8.16 -15.13
C SER A 57 -9.50 -7.11 -14.02
N PHE A 58 -8.43 -6.36 -13.73
CA PHE A 58 -8.47 -5.38 -12.66
C PHE A 58 -9.42 -4.22 -12.96
N ILE A 59 -9.29 -3.62 -14.13
CA ILE A 59 -10.19 -2.55 -14.54
C ILE A 59 -11.61 -3.08 -14.59
N SER A 60 -11.75 -4.37 -14.87
CA SER A 60 -13.08 -4.97 -14.91
C SER A 60 -13.75 -5.00 -13.54
N HIS A 61 -12.97 -5.26 -12.49
CA HIS A 61 -13.50 -5.21 -11.13
C HIS A 61 -13.83 -3.78 -10.68
N LEU A 62 -13.01 -2.82 -11.09
CA LEU A 62 -13.28 -1.42 -10.78
C LEU A 62 -14.60 -1.00 -11.39
N ASP A 63 -14.78 -1.32 -12.67
CA ASP A 63 -16.03 -1.03 -13.40
C ASP A 63 -17.23 -1.65 -12.70
N GLU A 64 -17.16 -2.94 -12.40
CA GLU A 64 -18.25 -3.65 -11.76
C GLU A 64 -18.67 -3.08 -10.40
N HIS A 65 -17.83 -2.22 -9.83
CA HIS A 65 -18.14 -1.64 -8.51
C HIS A 65 -18.07 -0.12 -8.48
N ASN A 66 -18.11 0.49 -9.66
CA ASN A 66 -18.15 1.94 -9.75
C ASN A 66 -16.88 2.65 -9.25
N PHE A 67 -15.76 1.96 -9.29
CA PHE A 67 -14.50 2.60 -8.92
C PHE A 67 -13.98 3.43 -10.08
N THR A 68 -13.56 4.64 -9.79
CA THR A 68 -13.13 5.53 -10.82
C THR A 68 -11.63 5.39 -11.06
N HIS A 69 -10.89 5.03 -10.00
CA HIS A 69 -9.43 4.98 -10.04
C HIS A 69 -8.81 3.82 -9.24
N GLY A 70 -7.56 3.50 -9.54
CA GLY A 70 -6.89 2.43 -8.81
C GLY A 70 -5.42 2.72 -8.76
N VAL A 71 -4.75 2.16 -7.78
CA VAL A 71 -3.33 2.33 -7.69
C VAL A 71 -2.62 1.01 -7.75
N LEU A 72 -1.83 0.83 -8.80
CA LEU A 72 -1.01 -0.35 -8.97
C LEU A 72 0.27 -0.27 -8.15
N VAL A 73 0.60 -1.36 -7.47
CA VAL A 73 1.79 -1.41 -6.63
C VAL A 73 2.70 -2.52 -7.13
N GLN A 74 4.00 -2.25 -7.18
CA GLN A 74 4.97 -3.25 -7.66
C GLN A 74 5.08 -4.41 -6.68
N PRO A 75 4.92 -5.66 -7.18
CA PRO A 75 4.93 -6.84 -6.33
C PRO A 75 6.34 -7.27 -5.93
N SER A 76 6.45 -7.80 -4.73
CA SER A 76 7.71 -8.32 -4.20
C SER A 76 8.42 -9.28 -5.16
N PHE A 77 7.68 -10.22 -5.72
CA PHE A 77 8.28 -11.26 -6.54
C PHE A 77 8.78 -10.77 -7.88
N LEU A 78 8.45 -9.53 -8.22
CA LEU A 78 8.93 -8.93 -9.47
C LEU A 78 10.13 -8.02 -9.30
N GLY A 79 10.66 -7.92 -8.08
CA GLY A 79 11.89 -7.17 -7.84
C GLY A 79 11.82 -5.72 -8.28
N THR A 80 12.87 -5.23 -8.92
CA THR A 80 12.93 -3.84 -9.33
C THR A 80 12.62 -3.69 -10.82
N ASN A 81 12.11 -4.74 -11.44
CA ASN A 81 11.62 -4.63 -12.81
C ASN A 81 10.18 -4.19 -12.79
N ASN A 82 9.93 -2.90 -12.99
CA ASN A 82 8.59 -2.33 -12.88
C ASN A 82 7.79 -2.34 -14.19
N GLN A 83 8.28 -3.02 -15.21
CA GLN A 83 7.67 -2.95 -16.53
C GLN A 83 6.23 -3.41 -16.67
N ALA A 84 5.85 -4.51 -16.03
CA ALA A 84 4.44 -4.95 -16.14
C ALA A 84 3.50 -3.85 -15.66
N MET A 85 3.79 -3.30 -14.49
CA MET A 85 3.01 -2.19 -13.93
C MET A 85 3.05 -0.93 -14.82
N LEU A 86 4.22 -0.58 -15.31
CA LEU A 86 4.36 0.56 -16.21
C LEU A 86 3.49 0.45 -17.47
N ASN A 87 3.46 -0.74 -18.07
CA ASN A 87 2.63 -0.98 -19.25
C ASN A 87 1.14 -0.89 -18.97
N ALA A 88 0.74 -1.37 -17.80
CA ALA A 88 -0.66 -1.35 -17.41
C ALA A 88 -1.15 0.07 -17.22
N ILE A 89 -0.31 0.90 -16.60
CA ILE A 89 -0.64 2.31 -16.37
C ILE A 89 -0.85 3.01 -17.69
N GLN A 90 0.11 2.88 -18.59
CA GLN A 90 0.03 3.47 -19.93
C GLN A 90 -1.28 3.16 -20.65
N GLN A 91 -1.80 1.95 -20.46
CA GLN A 91 -3.07 1.58 -21.08
C GLN A 91 -4.24 2.34 -20.50
N TYR A 92 -4.19 2.63 -19.20
CA TYR A 92 -5.28 3.37 -18.55
C TYR A 92 -4.78 4.53 -17.73
N PRO A 93 -4.04 5.43 -18.38
CA PRO A 93 -3.30 6.53 -17.74
C PRO A 93 -4.25 7.48 -17.00
N ASP A 94 -5.52 7.41 -17.35
CA ASP A 94 -6.51 8.31 -16.80
C ASP A 94 -7.13 7.74 -15.52
N ARG A 95 -6.88 6.46 -15.27
CA ARG A 95 -7.50 5.79 -14.13
C ARG A 95 -6.48 5.21 -13.15
N LEU A 96 -5.25 5.02 -13.61
CA LEU A 96 -4.25 4.33 -12.81
C LEU A 96 -3.00 5.15 -12.54
N LYS A 97 -2.51 5.07 -11.30
CA LYS A 97 -1.15 5.47 -10.96
C LYS A 97 -0.42 4.29 -10.32
N GLY A 98 0.90 4.43 -10.14
CA GLY A 98 1.70 3.32 -9.64
C GLY A 98 2.70 3.63 -8.52
N ILE A 99 3.08 2.59 -7.79
CA ILE A 99 4.13 2.67 -6.79
C ILE A 99 5.20 1.68 -7.25
N ALA A 100 6.39 2.18 -7.50
CA ALA A 100 7.46 1.34 -8.03
C ALA A 100 8.33 0.80 -6.92
N VAL A 101 9.21 -0.13 -7.29
CA VAL A 101 10.27 -0.60 -6.42
C VAL A 101 11.56 -0.41 -7.19
N VAL A 102 12.55 0.22 -6.54
CA VAL A 102 13.79 0.58 -7.20
C VAL A 102 14.94 0.43 -6.23
N GLN A 103 16.14 0.20 -6.76
CA GLN A 103 17.38 0.25 -5.96
C GLN A 103 17.50 1.64 -5.34
N HIS A 104 17.92 1.72 -4.08
CA HIS A 104 18.09 3.05 -3.49
C HIS A 104 19.24 3.82 -4.16
N THR A 105 19.96 3.16 -5.06
CA THR A 105 21.04 3.83 -5.80
C THR A 105 20.61 4.29 -7.19
N THR A 106 19.35 4.07 -7.54
CA THR A 106 18.84 4.61 -8.78
C THR A 106 19.16 6.09 -8.81
N THR A 107 19.43 6.61 -10.00
CA THR A 107 19.78 8.02 -10.12
C THR A 107 18.54 8.88 -10.17
N PHE A 108 18.67 10.12 -9.71
CA PHE A 108 17.57 11.06 -9.75
C PHE A 108 16.93 11.06 -11.13
N ASN A 109 17.74 11.13 -12.17
CA ASN A 109 17.17 11.20 -13.51
C ASN A 109 16.24 10.04 -13.80
N GLU A 110 16.66 8.82 -13.47
CA GLU A 110 15.86 7.62 -13.69
C GLU A 110 14.51 7.78 -12.98
N LEU A 111 14.56 8.12 -11.69
CA LEU A 111 13.36 8.42 -10.91
C LEU A 111 12.47 9.46 -11.59
N VAL A 112 13.08 10.54 -12.07
CA VAL A 112 12.32 11.53 -12.81
C VAL A 112 11.57 10.86 -13.96
N ASN A 113 12.22 9.88 -14.58
CA ASN A 113 11.62 9.19 -15.71
C ASN A 113 10.42 8.33 -15.31
N LEU A 114 10.54 7.60 -14.22
CA LEU A 114 9.40 6.86 -13.67
C LEU A 114 8.29 7.83 -13.34
N LYS A 115 8.63 8.97 -12.75
CA LYS A 115 7.61 9.96 -12.41
C LYS A 115 6.83 10.32 -13.66
N ALA A 116 7.54 10.51 -14.77
CA ALA A 116 6.92 10.85 -16.05
C ALA A 116 5.98 9.76 -16.58
N GLN A 117 6.00 8.59 -15.97
CA GLN A 117 5.19 7.48 -16.46
C GLN A 117 4.04 7.14 -15.50
N GLY A 118 3.79 8.05 -14.56
CA GLY A 118 2.65 7.91 -13.65
C GLY A 118 2.96 7.21 -12.33
N ILE A 119 4.26 7.04 -12.03
CA ILE A 119 4.72 6.52 -10.74
C ILE A 119 4.80 7.67 -9.73
N VAL A 120 4.23 7.48 -8.54
CA VAL A 120 4.03 8.57 -7.58
C VAL A 120 4.60 8.28 -6.19
N GLY A 121 5.35 7.18 -6.08
CA GLY A 121 5.96 6.81 -4.81
C GLY A 121 6.78 5.54 -5.01
N VAL A 122 7.44 5.09 -3.94
CA VAL A 122 8.20 3.86 -3.98
C VAL A 122 7.81 3.05 -2.75
N ARG A 123 8.06 1.75 -2.78
CA ARG A 123 7.61 0.87 -1.70
C ARG A 123 8.77 0.13 -1.06
N LEU A 124 8.80 0.13 0.27
CA LEU A 124 9.70 -0.70 1.04
C LEU A 124 8.93 -1.92 1.54
N ASN A 125 9.00 -3.01 0.78
CA ASN A 125 8.32 -4.24 1.16
C ASN A 125 9.32 -5.14 1.83
N LEU A 126 9.30 -5.15 3.16
CA LEU A 126 10.39 -5.74 3.93
C LEU A 126 10.08 -7.08 4.53
N PHE A 127 8.95 -7.67 4.18
CA PHE A 127 8.66 -9.00 4.67
C PHE A 127 9.68 -9.99 4.14
N GLY A 128 10.16 -10.86 5.03
CA GLY A 128 11.15 -11.90 4.69
C GLY A 128 12.52 -11.30 4.40
N LEU A 129 12.69 -10.02 4.72
CA LEU A 129 13.94 -9.35 4.42
C LEU A 129 14.53 -8.67 5.65
N ASN A 130 15.75 -8.18 5.52
CA ASN A 130 16.37 -7.46 6.62
C ASN A 130 15.94 -6.02 6.59
N LEU A 131 15.88 -5.42 7.78
CA LEU A 131 15.58 -4.01 7.93
C LEU A 131 16.78 -3.18 7.46
N PRO A 132 16.60 -2.38 6.40
CA PRO A 132 17.78 -1.63 5.95
C PRO A 132 18.09 -0.47 6.89
N ALA A 133 19.32 0.01 6.85
CA ALA A 133 19.67 1.19 7.62
C ALA A 133 19.41 2.41 6.75
N LEU A 134 18.51 3.27 7.21
CA LEU A 134 18.08 4.41 6.42
C LEU A 134 18.91 5.68 6.65
N ASN A 135 19.72 5.67 7.70
CA ASN A 135 20.52 6.83 8.07
C ASN A 135 21.73 7.00 7.18
N THR A 136 22.25 5.89 6.64
CA THR A 136 23.44 5.94 5.81
C THR A 136 23.32 6.99 4.70
N PRO A 137 24.45 7.58 4.29
CA PRO A 137 24.43 8.68 3.32
C PRO A 137 23.70 8.34 2.01
N ASP A 138 23.93 7.15 1.48
CA ASP A 138 23.29 6.70 0.24
C ASP A 138 21.77 6.65 0.36
N TRP A 139 21.27 6.20 1.51
CA TRP A 139 19.84 6.16 1.76
C TRP A 139 19.26 7.55 1.88
N GLN A 140 19.96 8.42 2.61
CA GLN A 140 19.55 9.80 2.77
C GLN A 140 19.47 10.50 1.42
N LYS A 141 20.40 10.18 0.53
CA LYS A 141 20.39 10.83 -0.78
C LYS A 141 19.20 10.41 -1.63
N PHE A 142 18.98 9.11 -1.73
CA PHE A 142 17.79 8.58 -2.37
C PHE A 142 16.57 9.29 -1.82
N LEU A 143 16.46 9.30 -0.50
CA LEU A 143 15.27 9.82 0.17
C LEU A 143 15.06 11.30 -0.05
N ARG A 144 16.14 12.08 -0.04
CA ARG A 144 16.02 13.50 -0.36
C ARG A 144 15.50 13.67 -1.79
N ASN A 145 15.89 12.77 -2.67
CA ASN A 145 15.39 12.80 -4.04
C ASN A 145 13.89 12.53 -4.14
N VAL A 146 13.43 11.47 -3.47
CA VAL A 146 12.00 11.16 -3.37
C VAL A 146 11.23 12.36 -2.81
N GLU A 147 11.74 12.95 -1.74
CA GLU A 147 11.14 14.14 -1.16
C GLU A 147 10.96 15.25 -2.23
N SER A 148 12.04 15.51 -2.96
CA SER A 148 12.03 16.53 -4.02
C SER A 148 10.97 16.25 -5.08
N LEU A 149 10.68 14.98 -5.30
CA LEU A 149 9.76 14.59 -6.36
C LEU A 149 8.30 14.57 -5.90
N ASN A 150 8.06 14.86 -4.62
CA ASN A 150 6.70 14.90 -4.10
C ASN A 150 6.11 13.52 -4.10
N TRP A 151 6.99 12.52 -4.22
CA TRP A 151 6.58 11.14 -4.16
C TRP A 151 6.27 10.76 -2.74
N GLN A 152 5.46 9.72 -2.58
CA GLN A 152 5.23 9.15 -1.25
C GLN A 152 6.22 7.98 -1.02
N VAL A 153 6.39 7.61 0.25
CA VAL A 153 7.07 6.37 0.61
C VAL A 153 6.09 5.39 1.28
N GLU A 154 5.87 4.25 0.62
CA GLU A 154 4.93 3.22 1.09
C GLU A 154 5.67 2.10 1.80
N LEU A 155 5.16 1.69 2.96
CA LEU A 155 5.78 0.60 3.72
C LEU A 155 4.88 -0.62 3.83
N HIS A 156 5.47 -1.78 3.56
CA HIS A 156 4.83 -3.02 3.94
C HIS A 156 5.83 -3.74 4.81
N ALA A 157 5.50 -3.89 6.09
CA ALA A 157 6.46 -4.36 7.06
C ALA A 157 5.80 -4.69 8.39
N PRO A 158 6.44 -5.58 9.17
CA PRO A 158 5.95 -5.96 10.48
C PRO A 158 6.19 -4.83 11.49
N PRO A 159 5.31 -4.74 12.50
CA PRO A 159 5.40 -3.68 13.49
C PRO A 159 6.81 -3.52 14.09
N LYS A 160 7.53 -4.62 14.29
CA LYS A 160 8.88 -4.55 14.81
C LYS A 160 9.80 -3.78 13.87
N TYR A 161 9.44 -3.73 12.60
CA TYR A 161 10.22 -3.03 11.59
C TYR A 161 9.74 -1.59 11.48
N LEU A 162 8.42 -1.42 11.53
CA LEU A 162 7.82 -0.08 11.43
C LEU A 162 8.27 0.82 12.56
N VAL A 163 8.37 0.27 13.78
CA VAL A 163 8.80 1.04 14.94
C VAL A 163 10.21 1.63 14.72
N GLN A 164 10.95 0.97 13.84
CA GLN A 164 12.33 1.30 13.49
C GLN A 164 12.40 2.35 12.39
N LEU A 165 11.49 2.22 11.44
CA LEU A 165 11.52 3.00 10.20
C LEU A 165 10.94 4.41 10.35
N LEU A 166 9.81 4.50 11.02
CA LEU A 166 9.12 5.78 11.13
C LEU A 166 10.03 6.88 11.67
N PRO A 167 10.78 6.58 12.75
CA PRO A 167 11.66 7.60 13.32
C PRO A 167 12.64 8.18 12.30
N GLN A 168 13.19 7.33 11.43
CA GLN A 168 14.09 7.80 10.37
C GLN A 168 13.36 8.61 9.29
N LEU A 169 12.17 8.15 8.96
CA LEU A 169 11.38 8.81 7.94
C LEU A 169 10.81 10.13 8.47
N ASN A 170 10.80 10.31 9.80
CA ASN A 170 10.34 11.57 10.39
C ASN A 170 11.05 12.79 9.86
N GLU A 171 12.23 12.57 9.27
CA GLU A 171 13.12 13.64 8.85
C GLU A 171 12.89 14.18 7.43
N TYR A 172 11.82 13.74 6.78
CA TYR A 172 11.58 14.10 5.40
C TYR A 172 10.16 14.60 5.28
N SER A 173 9.89 15.42 4.29
CA SER A 173 8.60 16.03 4.10
C SER A 173 7.57 15.20 3.38
N PHE A 174 7.94 14.03 2.92
CA PHE A 174 7.00 13.21 2.16
C PHE A 174 5.94 12.50 3.00
N ASP A 175 4.85 12.15 2.34
CA ASP A 175 3.84 11.28 2.92
C ASP A 175 4.41 9.89 3.15
N VAL A 176 4.12 9.30 4.29
CA VAL A 176 4.49 7.90 4.52
C VAL A 176 3.22 7.07 4.63
N VAL A 177 3.15 6.02 3.84
CA VAL A 177 1.93 5.25 3.70
C VAL A 177 2.17 3.86 4.24
N ILE A 178 1.31 3.40 5.13
CA ILE A 178 1.53 2.09 5.73
C ILE A 178 0.52 1.06 5.26
N ASP A 179 1.03 -0.03 4.67
CA ASP A 179 0.23 -1.10 4.08
C ASP A 179 -0.53 -1.95 5.09
N HIS A 180 -1.78 -2.28 4.77
CA HIS A 180 -2.58 -3.29 5.49
C HIS A 180 -2.60 -3.15 7.02
N PHE A 181 -3.23 -2.07 7.49
CA PHE A 181 -3.37 -1.77 8.92
C PHE A 181 -2.07 -1.79 9.71
N GLY A 182 -0.93 -1.82 9.03
CA GLY A 182 0.36 -1.91 9.70
C GLY A 182 0.71 -3.33 10.07
N ARG A 183 0.04 -4.28 9.42
CA ARG A 183 0.35 -5.72 9.54
C ARG A 183 0.44 -6.20 10.98
N VAL A 184 -0.60 -5.89 11.75
CA VAL A 184 -0.67 -6.31 13.14
C VAL A 184 -0.21 -7.76 13.25
N ASP A 185 0.61 -8.07 14.24
CA ASP A 185 1.05 -9.46 14.40
C ASP A 185 -0.13 -10.39 14.56
N PRO A 186 -0.12 -11.49 13.79
CA PRO A 186 -1.21 -12.45 13.94
C PRO A 186 -1.33 -12.97 15.38
N VAL A 187 -0.19 -13.14 16.05
CA VAL A 187 -0.16 -13.71 17.40
C VAL A 187 -0.24 -12.66 18.50
N LYS A 188 0.68 -11.70 18.47
CA LYS A 188 0.78 -10.69 19.53
C LYS A 188 -0.36 -9.67 19.48
N GLY A 189 -0.99 -9.52 18.32
CA GLY A 189 -2.18 -8.68 18.19
C GLY A 189 -1.98 -7.17 18.43
N ILE A 190 -3.10 -6.51 18.71
CA ILE A 190 -3.15 -5.08 18.96
C ILE A 190 -2.25 -4.65 20.12
N GLU A 191 -2.32 -5.40 21.22
CA GLU A 191 -1.55 -5.09 22.43
C GLU A 191 -0.06 -5.40 22.25
N ASP A 192 0.30 -5.98 21.12
CA ASP A 192 1.71 -6.16 20.85
C ASP A 192 2.47 -4.82 21.09
N PRO A 193 3.39 -4.80 22.07
CA PRO A 193 4.14 -3.56 22.34
C PRO A 193 4.66 -2.89 21.08
N ASP A 194 5.14 -3.67 20.12
CA ASP A 194 5.63 -3.06 18.88
C ASP A 194 4.51 -2.34 18.15
N TYR A 195 3.29 -2.87 18.23
CA TYR A 195 2.21 -2.21 17.54
C TYR A 195 1.84 -0.94 18.27
N GLN A 196 1.89 -0.99 19.59
CA GLN A 196 1.57 0.15 20.42
C GLN A 196 2.58 1.26 20.15
N LYS A 197 3.86 0.90 20.09
CA LYS A 197 4.88 1.90 19.82
C LYS A 197 4.62 2.52 18.46
N PHE A 198 4.38 1.67 17.47
CA PHE A 198 4.06 2.09 16.11
C PHE A 198 2.97 3.15 16.09
N LEU A 199 1.87 2.86 16.79
CA LEU A 199 0.74 3.76 16.88
C LEU A 199 1.15 5.12 17.44
N SER A 200 1.98 5.11 18.48
CA SER A 200 2.40 6.36 19.11
C SER A 200 3.29 7.19 18.16
N LEU A 201 3.92 6.51 17.20
CA LEU A 201 4.87 7.17 16.30
C LEU A 201 4.16 7.85 15.15
N LEU A 202 2.89 7.52 14.99
CA LEU A 202 2.11 8.06 13.89
C LEU A 202 1.92 9.56 14.09
N ASN A 203 2.11 10.31 13.00
CA ASN A 203 1.89 11.75 13.04
C ASN A 203 0.82 12.15 12.03
N VAL A 204 -0.16 12.91 12.46
CA VAL A 204 -1.28 13.22 11.61
C VAL A 204 -0.79 14.02 10.41
N LYS A 205 0.36 14.64 10.54
CA LYS A 205 0.87 15.53 9.49
C LYS A 205 1.69 14.79 8.43
N GLN A 206 1.91 13.50 8.63
CA GLN A 206 2.77 12.77 7.68
C GLN A 206 2.31 11.37 7.28
N HIS A 207 1.69 10.65 8.19
CA HIS A 207 1.43 9.23 7.95
C HIS A 207 0.02 8.94 7.48
N TRP A 208 -0.09 7.98 6.56
CA TRP A 208 -1.37 7.48 6.04
C TRP A 208 -1.42 5.98 6.27
N ILE A 209 -2.61 5.47 6.55
CA ILE A 209 -2.78 4.02 6.72
C ILE A 209 -3.80 3.43 5.76
N LYS A 210 -3.41 2.33 5.13
CA LYS A 210 -4.30 1.58 4.23
C LYS A 210 -5.09 0.58 5.05
N VAL A 211 -6.42 0.63 4.94
CA VAL A 211 -7.27 -0.34 5.66
C VAL A 211 -7.62 -1.52 4.75
N SER A 212 -6.59 -2.05 4.10
CA SER A 212 -6.73 -3.11 3.13
C SER A 212 -6.19 -4.38 3.75
N GLY A 213 -6.46 -5.51 3.10
CA GLY A 213 -5.80 -6.77 3.44
C GLY A 213 -6.04 -7.26 4.86
N PHE A 214 -7.23 -6.96 5.39
CA PHE A 214 -7.59 -7.44 6.72
C PHE A 214 -7.23 -8.92 6.85
N TYR A 215 -7.34 -9.65 5.74
CA TYR A 215 -7.09 -11.10 5.77
C TYR A 215 -5.62 -11.50 5.93
N ARG A 216 -4.71 -10.52 5.98
CA ARG A 216 -3.30 -10.84 6.27
C ARG A 216 -3.01 -10.71 7.76
N LEU A 217 -4.06 -10.39 8.51
CA LEU A 217 -3.93 -10.17 9.94
C LEU A 217 -4.15 -11.47 10.74
N GLY A 218 -4.54 -12.54 10.05
CA GLY A 218 -4.83 -13.83 10.68
C GLY A 218 -6.00 -14.48 9.95
N ALA A 219 -6.49 -15.61 10.47
CA ALA A 219 -7.64 -16.29 9.86
C ALA A 219 -9.00 -15.66 10.26
N THR A 220 -10.10 -16.15 9.68
CA THR A 220 -11.42 -15.62 10.03
C THR A 220 -12.06 -16.36 11.19
N PRO A 221 -13.04 -15.72 11.85
CA PRO A 221 -13.39 -14.31 11.59
C PRO A 221 -12.59 -13.34 12.45
N SER A 222 -11.58 -13.85 13.15
CA SER A 222 -10.70 -13.03 13.96
C SER A 222 -10.17 -11.79 13.21
N ASN A 223 -9.46 -12.04 12.11
CA ASN A 223 -8.78 -10.98 11.37
C ASN A 223 -9.64 -9.76 11.03
N ILE A 224 -10.95 -9.94 10.95
CA ILE A 224 -11.83 -8.81 10.67
C ILE A 224 -12.05 -8.00 11.95
N ASN A 225 -12.08 -8.68 13.08
CA ASN A 225 -12.17 -7.97 14.33
C ASN A 225 -10.93 -7.15 14.64
N ILE A 226 -9.76 -7.75 14.46
CA ILE A 226 -8.50 -7.04 14.52
C ILE A 226 -8.60 -5.81 13.62
N ALA A 227 -8.88 -6.02 12.34
CA ALA A 227 -9.09 -4.89 11.43
C ALA A 227 -10.01 -3.80 12.03
N GLN A 228 -11.13 -4.22 12.60
CA GLN A 228 -12.10 -3.31 13.21
C GLN A 228 -11.53 -2.52 14.42
N GLN A 229 -10.76 -3.19 15.27
CA GLN A 229 -10.12 -2.53 16.40
C GLN A 229 -9.10 -1.50 15.92
N ALA A 230 -8.25 -1.91 14.99
CA ALA A 230 -7.21 -1.04 14.45
C ALA A 230 -7.86 0.21 13.89
N TYR A 231 -8.93 0.01 13.12
CA TYR A 231 -9.68 1.13 12.58
C TYR A 231 -10.15 2.08 13.67
N ASN A 232 -10.79 1.53 14.70
CA ASN A 232 -11.29 2.36 15.80
C ASN A 232 -10.18 3.15 16.44
N ILE A 233 -9.07 2.47 16.72
CA ILE A 233 -7.90 3.16 17.25
C ILE A 233 -7.50 4.35 16.35
N PHE A 234 -7.29 4.09 15.06
CA PHE A 234 -7.00 5.16 14.10
C PHE A 234 -7.96 6.33 14.24
N LYS A 235 -9.25 6.01 14.36
CA LYS A 235 -10.28 7.03 14.53
C LYS A 235 -9.99 7.90 15.74
N GLU A 236 -9.84 7.27 16.90
CA GLU A 236 -9.66 8.02 18.14
C GLU A 236 -8.36 8.81 18.15
N LYS A 237 -7.38 8.36 17.38
CA LYS A 237 -6.10 9.04 17.37
C LYS A 237 -6.22 10.34 16.56
N GLY A 238 -7.30 10.43 15.78
CA GLY A 238 -7.52 11.59 14.90
C GLY A 238 -7.11 11.42 13.44
N PHE A 239 -6.99 10.18 12.98
CA PHE A 239 -6.44 9.89 11.66
C PHE A 239 -7.46 9.51 10.56
N LEU A 240 -8.73 9.82 10.79
CA LEU A 240 -9.78 9.53 9.80
C LEU A 240 -9.48 10.02 8.38
N HIS A 241 -8.83 11.18 8.25
CA HIS A 241 -8.58 11.76 6.93
C HIS A 241 -7.25 11.28 6.37
N LYS A 242 -6.62 10.38 7.11
CA LYS A 242 -5.36 9.81 6.69
C LYS A 242 -5.55 8.37 6.25
N LEU A 243 -6.80 7.93 6.21
CA LEU A 243 -7.08 6.53 5.94
C LEU A 243 -7.50 6.31 4.50
N ILE A 244 -6.96 5.28 3.88
CA ILE A 244 -7.38 4.90 2.53
C ILE A 244 -7.59 3.38 2.41
N TRP A 245 -8.37 2.97 1.41
CA TRP A 245 -8.68 1.56 1.21
C TRP A 245 -8.10 0.94 -0.06
N GLY A 246 -7.81 -0.35 0.02
CA GLY A 246 -7.36 -1.09 -1.15
C GLY A 246 -7.92 -2.50 -1.13
N SER A 247 -8.25 -2.98 -2.32
CA SER A 247 -8.71 -4.35 -2.46
C SER A 247 -7.60 -5.35 -2.14
N ASP A 248 -6.36 -4.95 -2.40
CA ASP A 248 -5.23 -5.87 -2.44
C ASP A 248 -5.53 -7.06 -3.34
N TRP A 249 -6.32 -6.83 -4.39
CA TRP A 249 -6.43 -7.76 -5.51
C TRP A 249 -5.06 -7.99 -6.18
N PRO A 250 -4.77 -9.23 -6.62
CA PRO A 250 -5.63 -10.40 -6.64
C PRO A 250 -5.44 -11.29 -5.41
N HIS A 251 -5.14 -10.69 -4.27
CA HIS A 251 -5.18 -11.40 -2.98
C HIS A 251 -4.27 -12.61 -2.96
N THR A 252 -2.99 -12.38 -3.26
CA THR A 252 -2.01 -13.47 -3.40
C THR A 252 -1.88 -14.36 -2.16
N GLN A 253 -1.77 -15.66 -2.40
CA GLN A 253 -1.60 -16.63 -1.32
C GLN A 253 -2.86 -16.67 -0.47
N HIS A 254 -3.96 -16.14 -1.00
CA HIS A 254 -5.24 -16.13 -0.30
C HIS A 254 -6.36 -16.25 -1.33
N GLU A 255 -5.99 -16.72 -2.52
CA GLU A 255 -6.88 -16.71 -3.66
C GLU A 255 -8.10 -17.61 -3.44
N SER A 256 -7.93 -18.70 -2.71
CA SER A 256 -9.02 -19.65 -2.51
C SER A 256 -10.09 -19.04 -1.61
N LEU A 257 -9.69 -18.06 -0.79
CA LEU A 257 -10.56 -17.57 0.27
C LEU A 257 -11.09 -16.17 0.01
N ILE A 258 -10.47 -15.45 -0.91
CA ILE A 258 -10.77 -14.03 -1.09
C ILE A 258 -11.04 -13.57 -2.52
N THR A 259 -12.23 -13.03 -2.74
CA THR A 259 -12.57 -12.40 -4.01
C THR A 259 -12.58 -10.89 -3.83
N TYR A 260 -12.62 -10.19 -4.96
CA TYR A 260 -12.81 -8.75 -4.93
C TYR A 260 -14.04 -8.42 -4.09
N GLU A 261 -15.14 -9.14 -4.34
CA GLU A 261 -16.39 -8.89 -3.62
C GLU A 261 -16.21 -9.07 -2.11
N ASP A 262 -15.44 -10.07 -1.73
CA ASP A 262 -15.12 -10.32 -0.33
C ASP A 262 -14.34 -9.15 0.28
N ALA A 263 -13.41 -8.60 -0.50
CA ALA A 263 -12.67 -7.44 -0.06
C ALA A 263 -13.61 -6.26 0.17
N ILE A 264 -14.44 -5.94 -0.82
CA ILE A 264 -15.45 -4.89 -0.70
C ILE A 264 -16.32 -5.08 0.53
N LYS A 265 -16.75 -6.32 0.75
CA LYS A 265 -17.69 -6.65 1.82
C LYS A 265 -17.11 -6.40 3.22
N ALA A 266 -15.90 -6.88 3.47
CA ALA A 266 -15.26 -6.66 4.76
C ALA A 266 -15.04 -5.16 5.03
N PHE A 267 -14.78 -4.40 3.98
CA PHE A 267 -14.54 -2.98 4.16
C PHE A 267 -15.78 -2.32 4.78
N LYS A 268 -16.95 -2.69 4.26
CA LYS A 268 -18.21 -2.11 4.71
C LYS A 268 -18.54 -2.58 6.12
N GLN A 269 -18.08 -3.77 6.47
CA GLN A 269 -18.14 -4.23 7.85
C GLN A 269 -17.23 -3.53 8.82
N ILE A 270 -16.00 -3.32 8.41
CA ILE A 270 -15.06 -2.54 9.20
C ILE A 270 -15.49 -1.07 9.25
N VAL A 271 -15.81 -0.50 8.09
CA VAL A 271 -16.21 0.90 8.02
C VAL A 271 -17.70 0.96 7.71
N PHE A 272 -18.50 0.88 8.76
CA PHE A 272 -19.94 0.87 8.61
C PHE A 272 -20.53 2.23 8.19
N ASP A 273 -20.04 3.30 8.81
CA ASP A 273 -20.57 4.64 8.58
C ASP A 273 -20.23 5.16 7.18
N LYS A 274 -21.26 5.48 6.42
CA LYS A 274 -21.11 5.82 5.01
C LYS A 274 -20.46 7.19 4.75
N HIS A 275 -20.56 8.11 5.71
CA HIS A 275 -19.82 9.35 5.62
C HIS A 275 -18.34 9.01 5.64
N GLU A 276 -17.95 8.11 6.55
CA GLU A 276 -16.57 7.68 6.65
C GLU A 276 -16.10 6.89 5.44
N GLN A 277 -17.00 6.10 4.87
CA GLN A 277 -16.69 5.40 3.63
C GLN A 277 -16.39 6.41 2.51
N CYS A 278 -17.13 7.51 2.48
CA CYS A 278 -16.89 8.54 1.47
CA CYS A 278 -16.90 8.58 1.49
C CYS A 278 -15.50 9.16 1.59
N LEU A 279 -15.08 9.49 2.82
CA LEU A 279 -13.76 10.07 3.02
C LEU A 279 -12.72 9.06 2.58
N ILE A 280 -12.84 7.84 3.06
CA ILE A 280 -11.88 6.79 2.77
C ILE A 280 -11.80 6.40 1.30
N LEU A 281 -12.94 6.29 0.63
CA LEU A 281 -12.94 5.96 -0.78
C LEU A 281 -12.68 7.13 -1.72
N ASN A 282 -12.94 8.34 -1.25
CA ASN A 282 -12.98 9.49 -2.13
C ASN A 282 -12.08 10.67 -1.81
N GLN A 283 -12.37 11.43 -0.77
CA GLN A 283 -11.53 12.56 -0.48
C GLN A 283 -10.11 12.17 -0.06
N ASN A 284 -9.97 11.18 0.81
CA ASN A 284 -8.66 10.90 1.37
C ASN A 284 -7.67 10.45 0.32
N PRO A 285 -8.07 9.57 -0.56
CA PRO A 285 -7.14 9.08 -1.58
C PRO A 285 -7.02 10.07 -2.72
N THR A 286 -8.09 10.81 -2.99
CA THR A 286 -7.98 11.90 -3.95
C THR A 286 -6.85 12.85 -3.52
N GLU A 287 -6.87 13.25 -2.25
CA GLU A 287 -5.87 14.19 -1.72
CA GLU A 287 -5.87 14.20 -1.75
C GLU A 287 -4.47 13.61 -1.74
N LEU A 288 -4.34 12.36 -1.29
CA LEU A 288 -3.04 11.70 -1.24
C LEU A 288 -2.44 11.51 -2.63
N PHE A 289 -3.18 10.86 -3.53
CA PHE A 289 -2.64 10.55 -4.84
C PHE A 289 -2.90 11.66 -5.84
N GLY A 290 -3.62 12.69 -5.42
CA GLY A 290 -3.91 13.81 -6.30
C GLY A 290 -4.50 13.32 -7.61
N PHE A 291 -5.52 12.47 -7.52
CA PHE A 291 -6.25 12.00 -8.71
C PHE A 291 -7.15 13.11 -9.25
#